data_1NMD
#
_entry.id   1NMD
#
_cell.length_a   178.912
_cell.length_b   69.053
_cell.length_c   56.613
_cell.angle_alpha   90.00
_cell.angle_beta   104.65
_cell.angle_gamma   90.00
#
_symmetry.space_group_name_H-M   'C 1 2 1'
#
loop_
_entity.id
_entity.type
_entity.pdbx_description
1 polymer Actin
2 polymer Gelsolin
3 non-polymer 'SULFATE ION'
4 non-polymer "ADENOSINE-5'-TRIPHOSPHATE"
5 non-polymer 'SULFUR DIOXIDE'
6 non-polymer 'CALCIUM ION'
7 water water
#
loop_
_entity_poly.entity_id
_entity_poly.type
_entity_poly.pdbx_seq_one_letter_code
_entity_poly.pdbx_strand_id
1 'polypeptide(L)'
;DGEDVQALVIDNGSGMCKAGFAGDDAPRAVFPSIVGRPRHTGVMVGMGQKDSYVGDEAQSKRGILTLKYPIEHGIVTNWD
DMEKIWHHTFYNELRVAPEEHPVLLTEAPLNPKANREKMTQIMFETFNTPAMYVAIQAVLSLYASGRTTGIVMDSGDGVS
HTVPIYEGYALPHAILRLDLAGRDLTDYMMKILTERGYSFTTTAEREIVRDIKEKLAYVALDFEQEMATAASSSALEKSY
ELPDGQVITIGNERFRCPEALFQPSFLGMESAGIHETTYNSIMKCDVDIRKDLYGNVVLSGGTTMFPGIADRMNKELTAL
APSTMKIKIIAPPERKYSVWIGGSILASLSTFQQMWISKEEYDESGPSIVHRKCF
;
A
2 'polypeptide(L)'
;MVVEHPEFLKAGKEPGLQIWRVEKFDLVPVPTNLYGDFFTGDAYVILKTVQLRNGNLQYDLHYWLGNECSQDESGAAAIF
TVQLDDYLNGRAVQHREVQGFESATFLGYFKSGLKYKKGGVASGF
;
G
#
loop_
_chem_comp.id
_chem_comp.type
_chem_comp.name
_chem_comp.formula
ATP non-polymer ADENOSINE-5'-TRIPHOSPHATE 'C10 H16 N5 O13 P3'
CA non-polymer 'CALCIUM ION' 'Ca 2'
SO2 non-polymer 'SULFUR DIOXIDE' 'O2 S'
SO4 non-polymer 'SULFATE ION' 'O4 S -2'
#
# COMPACT_ATOMS: atom_id res chain seq x y z
N ASP A 4 25.05 10.94 -5.22
CA ASP A 4 24.69 9.49 -5.23
C ASP A 4 23.35 9.32 -5.95
N VAL A 5 23.22 8.21 -6.69
CA VAL A 5 22.03 7.91 -7.47
C VAL A 5 20.66 8.20 -6.86
N GLN A 6 19.73 8.64 -7.70
CA GLN A 6 18.38 8.95 -7.28
C GLN A 6 17.44 7.92 -7.92
N ALA A 7 16.70 7.19 -7.10
CA ALA A 7 15.79 6.17 -7.59
C ALA A 7 14.43 6.79 -7.85
N LEU A 8 13.69 6.18 -8.77
CA LEU A 8 12.36 6.63 -9.09
C LEU A 8 11.40 5.56 -8.63
N VAL A 9 10.16 5.96 -8.38
CA VAL A 9 9.12 5.05 -7.91
C VAL A 9 7.86 5.27 -8.73
N ILE A 10 7.42 4.22 -9.39
CA ILE A 10 6.20 4.27 -10.20
C ILE A 10 5.18 3.23 -9.77
N ASP A 11 3.99 3.68 -9.40
CA ASP A 11 2.91 2.79 -8.99
C ASP A 11 1.87 2.84 -10.10
N ASN A 12 1.85 1.77 -10.89
CA ASN A 12 0.96 1.61 -12.03
C ASN A 12 -0.48 1.22 -11.70
N GLY A 13 -1.29 2.22 -11.34
CA GLY A 13 -2.67 1.93 -11.02
C GLY A 13 -3.46 1.72 -12.30
N SER A 14 -4.55 0.97 -12.20
CA SER A 14 -5.42 0.69 -13.34
C SER A 14 -6.08 1.96 -13.87
N GLY A 15 -6.40 2.87 -12.96
CA GLY A 15 -7.01 4.14 -13.34
C GLY A 15 -6.02 5.30 -13.25
N MET A 16 -5.22 5.34 -12.20
CA MET A 16 -4.27 6.42 -12.00
C MET A 16 -2.85 5.94 -11.75
N CYS A 17 -1.90 6.54 -12.45
CA CYS A 17 -0.52 6.20 -12.26
C CYS A 17 0.04 7.23 -11.29
N LYS A 18 0.89 6.80 -10.36
CA LYS A 18 1.54 7.70 -9.41
C LYS A 18 3.04 7.53 -9.62
N ALA A 19 3.73 8.62 -9.91
CA ALA A 19 5.16 8.54 -10.15
C ALA A 19 5.91 9.57 -9.34
N GLY A 20 7.15 9.28 -8.99
CA GLY A 20 7.91 10.24 -8.22
C GLY A 20 9.33 9.80 -7.94
N PHE A 21 9.97 10.49 -7.01
CA PHE A 21 11.35 10.20 -6.65
C PHE A 21 11.43 9.61 -5.22
N ALA A 22 12.22 8.55 -5.07
CA ALA A 22 12.41 7.91 -3.76
C ALA A 22 12.98 8.96 -2.82
N GLY A 23 12.40 9.09 -1.63
CA GLY A 23 12.87 10.07 -0.68
C GLY A 23 11.83 11.16 -0.49
N ASP A 24 10.95 11.30 -1.49
CA ASP A 24 9.88 12.28 -1.39
C ASP A 24 8.77 11.61 -0.60
N ASP A 25 7.99 12.43 0.12
CA ASP A 25 6.89 11.89 0.91
C ASP A 25 5.58 11.78 0.13
N ALA A 26 5.60 12.17 -1.14
CA ALA A 26 4.40 12.08 -1.99
C ALA A 26 4.83 11.98 -3.44
N PRO A 27 3.98 11.40 -4.30
CA PRO A 27 4.37 11.30 -5.72
C PRO A 27 4.29 12.69 -6.40
N ARG A 28 5.26 13.01 -7.24
CA ARG A 28 5.27 14.29 -7.92
C ARG A 28 4.21 14.38 -9.00
N ALA A 29 3.89 13.23 -9.57
CA ALA A 29 2.92 13.19 -10.64
C ALA A 29 1.85 12.12 -10.50
N VAL A 30 0.60 12.54 -10.58
CA VAL A 30 -0.51 11.61 -10.50
C VAL A 30 -1.39 11.90 -11.73
N PHE A 31 -1.52 10.93 -12.63
CA PHE A 31 -2.30 11.16 -13.84
C PHE A 31 -2.98 9.90 -14.30
N PRO A 32 -4.06 10.05 -15.10
CA PRO A 32 -4.81 8.91 -15.62
C PRO A 32 -3.93 7.95 -16.42
N SER A 33 -4.13 6.66 -16.21
CA SER A 33 -3.38 5.64 -16.93
C SER A 33 -4.11 5.38 -18.26
N ILE A 34 -4.03 6.38 -19.14
CA ILE A 34 -4.69 6.36 -20.44
C ILE A 34 -3.76 6.72 -21.58
N VAL A 35 -3.96 6.05 -22.70
CA VAL A 35 -3.18 6.32 -23.89
C VAL A 35 -4.23 6.73 -24.93
N GLY A 36 -4.05 7.90 -25.52
CA GLY A 36 -4.99 8.37 -26.51
C GLY A 36 -4.40 8.43 -27.91
N ARG A 37 -5.17 7.96 -28.88
CA ARG A 37 -4.74 7.97 -30.27
C ARG A 37 -5.85 8.54 -31.15
N PRO A 38 -5.47 9.21 -32.25
CA PRO A 38 -6.42 9.81 -33.19
C PRO A 38 -7.62 8.93 -33.48
N ARG A 39 -8.78 9.40 -33.06
CA ARG A 39 -10.01 8.63 -33.27
C ARG A 39 -10.14 8.31 -34.74
N HIS A 40 -10.10 9.33 -35.58
CA HIS A 40 -10.21 9.14 -37.01
C HIS A 40 -8.87 9.54 -37.62
N ASP A 51 0.46 9.66 -34.11
CA ASP A 51 1.17 9.65 -32.80
C ASP A 51 0.24 9.28 -31.64
N SER A 52 0.43 9.92 -30.48
CA SER A 52 -0.39 9.62 -29.32
C SER A 52 -0.24 10.56 -28.14
N TYR A 53 -1.14 10.38 -27.18
CA TYR A 53 -1.14 11.17 -25.95
C TYR A 53 -1.30 10.26 -24.73
N VAL A 54 -0.87 10.75 -23.58
CA VAL A 54 -0.99 9.98 -22.36
C VAL A 54 -1.47 10.88 -21.23
N GLY A 55 -2.15 10.31 -20.25
CA GLY A 55 -2.57 11.10 -19.10
C GLY A 55 -3.63 12.17 -19.25
N ASP A 56 -3.43 13.29 -18.58
CA ASP A 56 -4.41 14.38 -18.60
C ASP A 56 -4.69 14.92 -19.98
N GLU A 57 -3.64 15.09 -20.77
CA GLU A 57 -3.79 15.61 -22.12
C GLU A 57 -4.68 14.71 -22.98
N ALA A 58 -4.50 13.40 -22.85
CA ALA A 58 -5.29 12.47 -23.66
C ALA A 58 -6.76 12.58 -23.24
N GLN A 59 -6.97 12.69 -21.94
CA GLN A 59 -8.31 12.79 -21.40
C GLN A 59 -8.98 14.07 -21.89
N SER A 60 -8.22 15.15 -21.97
CA SER A 60 -8.74 16.42 -22.41
C SER A 60 -9.14 16.42 -23.89
N LYS A 61 -8.30 15.79 -24.70
CA LYS A 61 -8.51 15.70 -26.14
C LYS A 61 -9.32 14.48 -26.56
N ARG A 62 -10.16 13.97 -25.67
CA ARG A 62 -10.94 12.79 -25.96
C ARG A 62 -11.87 13.06 -27.11
N GLY A 63 -12.15 14.33 -27.37
CA GLY A 63 -13.03 14.67 -28.47
C GLY A 63 -12.48 14.21 -29.81
N ILE A 64 -11.17 14.17 -29.95
CA ILE A 64 -10.53 13.75 -31.19
C ILE A 64 -9.69 12.49 -31.05
N LEU A 65 -9.67 11.90 -29.85
CA LEU A 65 -8.88 10.69 -29.66
C LEU A 65 -9.72 9.54 -29.16
N THR A 66 -9.25 8.33 -29.40
CA THR A 66 -9.90 7.13 -28.88
C THR A 66 -8.97 6.75 -27.71
N LEU A 67 -9.55 6.60 -26.52
CA LEU A 67 -8.75 6.29 -25.33
C LEU A 67 -8.68 4.82 -24.97
N LYS A 68 -7.52 4.40 -24.45
CA LYS A 68 -7.33 3.00 -24.05
C LYS A 68 -6.65 2.96 -22.69
N TYR A 69 -7.08 2.00 -21.88
CA TYR A 69 -6.57 1.73 -20.52
C TYR A 69 -5.82 0.40 -20.60
N PRO A 70 -4.49 0.45 -20.67
CA PRO A 70 -3.69 -0.78 -20.77
C PRO A 70 -3.58 -1.64 -19.51
N ILE A 71 -4.14 -1.16 -18.40
CA ILE A 71 -4.07 -1.88 -17.14
C ILE A 71 -5.46 -2.18 -16.61
N GLU A 72 -5.75 -3.48 -16.52
CA GLU A 72 -7.04 -3.94 -16.05
C GLU A 72 -6.81 -4.80 -14.79
N HIS A 73 -7.52 -4.44 -13.73
CA HIS A 73 -7.43 -5.12 -12.45
C HIS A 73 -6.00 -5.16 -11.94
N GLY A 74 -5.23 -4.13 -12.29
CA GLY A 74 -3.85 -4.07 -11.86
C GLY A 74 -2.90 -4.85 -12.74
N ILE A 75 -3.44 -5.59 -13.71
CA ILE A 75 -2.64 -6.39 -14.64
C ILE A 75 -2.53 -5.71 -16.01
N VAL A 76 -1.32 -5.69 -16.57
CA VAL A 76 -1.14 -5.05 -17.87
C VAL A 76 -1.71 -5.94 -18.97
N THR A 77 -2.62 -5.40 -19.79
CA THR A 77 -3.21 -6.17 -20.88
C THR A 77 -2.68 -5.76 -22.28
N ASN A 78 -2.03 -4.59 -22.36
CA ASN A 78 -1.45 -4.09 -23.63
C ASN A 78 -0.06 -3.49 -23.39
N TRP A 79 0.98 -4.21 -23.80
CA TRP A 79 2.34 -3.76 -23.59
C TRP A 79 2.86 -2.59 -24.43
N ASP A 80 2.26 -2.36 -25.59
CA ASP A 80 2.72 -1.24 -26.42
C ASP A 80 2.23 0.05 -25.78
N ASP A 81 0.99 0.01 -25.31
CA ASP A 81 0.40 1.17 -24.64
C ASP A 81 1.10 1.41 -23.30
N MET A 82 1.42 0.33 -22.57
CA MET A 82 2.10 0.46 -21.28
C MET A 82 3.44 1.18 -21.46
N GLU A 83 4.15 0.81 -22.53
CA GLU A 83 5.44 1.41 -22.88
C GLU A 83 5.26 2.92 -23.10
N LYS A 84 4.16 3.26 -23.79
CA LYS A 84 3.85 4.66 -24.08
C LYS A 84 3.68 5.36 -22.76
N ILE A 85 2.92 4.74 -21.86
CA ILE A 85 2.70 5.36 -20.55
C ILE A 85 4.01 5.55 -19.80
N TRP A 86 4.88 4.53 -19.82
CA TRP A 86 6.16 4.65 -19.13
C TRP A 86 7.06 5.69 -19.78
N HIS A 87 7.06 5.72 -21.11
CA HIS A 87 7.87 6.70 -21.83
C HIS A 87 7.43 8.08 -21.39
N HIS A 88 6.12 8.29 -21.42
CA HIS A 88 5.56 9.58 -21.01
C HIS A 88 5.91 9.92 -19.56
N THR A 89 5.79 8.94 -18.68
CA THR A 89 6.12 9.13 -17.26
C THR A 89 7.55 9.64 -17.08
N PHE A 90 8.51 8.99 -17.74
CA PHE A 90 9.92 9.40 -17.61
C PHE A 90 10.21 10.77 -18.20
N TYR A 91 9.95 10.90 -19.49
CA TYR A 91 10.25 12.13 -20.23
C TYR A 91 9.39 13.36 -19.99
N ASN A 92 8.09 13.16 -19.76
CA ASN A 92 7.18 14.26 -19.57
C ASN A 92 6.77 14.55 -18.14
N GLU A 93 6.33 13.51 -17.42
CA GLU A 93 5.91 13.71 -16.04
C GLU A 93 7.06 13.93 -15.05
N LEU A 94 8.08 13.08 -15.09
CA LEU A 94 9.21 13.20 -14.18
C LEU A 94 10.36 14.01 -14.77
N ARG A 95 10.38 14.16 -16.09
CA ARG A 95 11.44 14.93 -16.73
C ARG A 95 12.84 14.43 -16.36
N VAL A 96 13.03 13.14 -16.58
CA VAL A 96 14.29 12.46 -16.33
C VAL A 96 14.63 11.60 -17.56
N ALA A 97 15.88 11.16 -17.61
CA ALA A 97 16.37 10.27 -18.65
C ALA A 97 16.37 8.95 -17.83
N PRO A 98 15.51 7.98 -18.20
CA PRO A 98 15.46 6.72 -17.44
C PRO A 98 16.73 5.89 -17.34
N GLU A 99 17.65 6.04 -18.30
CA GLU A 99 18.90 5.28 -18.26
C GLU A 99 19.80 5.75 -17.13
N GLU A 100 19.39 6.82 -16.45
CA GLU A 100 20.18 7.37 -15.35
C GLU A 100 19.57 7.09 -13.95
N HIS A 101 18.53 6.27 -13.90
CA HIS A 101 17.88 6.02 -12.61
C HIS A 101 17.38 4.62 -12.32
N PRO A 102 17.66 4.11 -11.10
CA PRO A 102 17.18 2.77 -10.71
C PRO A 102 15.66 2.98 -10.62
N VAL A 103 14.87 2.02 -11.04
CA VAL A 103 13.44 2.24 -11.01
C VAL A 103 12.67 1.18 -10.23
N LEU A 104 11.86 1.61 -9.27
CA LEU A 104 11.05 0.66 -8.54
C LEU A 104 9.63 0.78 -9.09
N LEU A 105 9.08 -0.34 -9.52
CA LEU A 105 7.73 -0.42 -10.08
C LEU A 105 6.88 -1.29 -9.17
N THR A 106 5.57 -1.05 -9.14
CA THR A 106 4.70 -1.87 -8.32
C THR A 106 3.92 -2.85 -9.20
N GLU A 107 3.40 -3.89 -8.57
CA GLU A 107 2.60 -4.86 -9.29
C GLU A 107 1.46 -5.31 -8.41
N ALA A 108 0.43 -5.86 -9.04
CA ALA A 108 -0.73 -6.35 -8.33
C ALA A 108 -0.34 -7.67 -7.70
N PRO A 109 -1.04 -8.08 -6.63
CA PRO A 109 -0.72 -9.38 -5.99
C PRO A 109 -1.05 -10.42 -7.05
N LEU A 110 -0.24 -11.48 -7.12
CA LEU A 110 -0.44 -12.57 -8.10
C LEU A 110 -0.30 -12.15 -9.57
N ASN A 111 0.58 -11.19 -9.82
CA ASN A 111 0.85 -10.71 -11.18
C ASN A 111 1.43 -11.91 -11.94
N PRO A 112 0.84 -12.28 -13.10
CA PRO A 112 1.35 -13.45 -13.85
C PRO A 112 2.84 -13.40 -14.10
N LYS A 113 3.47 -14.57 -13.98
CA LYS A 113 4.91 -14.70 -14.17
C LYS A 113 5.38 -14.04 -15.47
N ALA A 114 4.65 -14.28 -16.55
CA ALA A 114 5.00 -13.72 -17.84
C ALA A 114 5.03 -12.17 -17.82
N ASN A 115 4.05 -11.58 -17.15
CA ASN A 115 3.98 -10.14 -17.05
C ASN A 115 5.17 -9.56 -16.29
N ARG A 116 5.61 -10.24 -15.23
CA ARG A 116 6.75 -9.77 -14.45
C ARG A 116 8.01 -9.73 -15.32
N GLU A 117 8.19 -10.76 -16.12
CA GLU A 117 9.36 -10.82 -17.00
C GLU A 117 9.33 -9.72 -18.08
N LYS A 118 8.13 -9.49 -18.63
CA LYS A 118 7.91 -8.47 -19.67
C LYS A 118 8.21 -7.05 -19.18
N MET A 119 7.73 -6.72 -17.99
CA MET A 119 7.96 -5.42 -17.36
C MET A 119 9.47 -5.24 -17.17
N THR A 120 10.10 -6.34 -16.77
CA THR A 120 11.55 -6.37 -16.56
C THR A 120 12.26 -6.15 -17.90
N GLN A 121 11.88 -6.92 -18.91
CA GLN A 121 12.47 -6.81 -20.23
C GLN A 121 12.36 -5.39 -20.78
N ILE A 122 11.16 -4.81 -20.71
CA ILE A 122 10.96 -3.45 -21.21
C ILE A 122 11.88 -2.44 -20.51
N MET A 123 11.91 -2.47 -19.18
CA MET A 123 12.76 -1.53 -18.44
C MET A 123 14.22 -1.58 -18.89
N PHE A 124 14.77 -2.79 -19.01
CA PHE A 124 16.18 -2.88 -19.38
C PHE A 124 16.49 -2.71 -20.88
N GLU A 125 15.71 -3.36 -21.72
CA GLU A 125 15.90 -3.31 -23.17
C GLU A 125 15.38 -2.02 -23.79
N THR A 126 14.14 -1.63 -23.47
CA THR A 126 13.58 -0.42 -24.05
C THR A 126 14.12 0.84 -23.38
N PHE A 127 13.98 0.92 -22.05
CA PHE A 127 14.40 2.12 -21.35
C PHE A 127 15.80 2.11 -20.83
N ASN A 128 16.47 0.98 -20.91
CA ASN A 128 17.86 0.90 -20.46
C ASN A 128 18.09 1.41 -19.03
N THR A 129 17.18 1.05 -18.14
CA THR A 129 17.32 1.45 -16.73
C THR A 129 18.60 0.77 -16.21
N PRO A 130 19.36 1.47 -15.35
CA PRO A 130 20.59 0.87 -14.83
C PRO A 130 20.27 -0.21 -13.78
N ALA A 131 19.07 -0.14 -13.22
CA ALA A 131 18.65 -1.07 -12.19
C ALA A 131 17.15 -0.96 -12.04
N MET A 132 16.53 -2.04 -11.56
CA MET A 132 15.08 -2.06 -11.40
C MET A 132 14.62 -3.07 -10.33
N TYR A 133 13.44 -2.81 -9.78
CA TYR A 133 12.84 -3.65 -8.75
C TYR A 133 11.31 -3.63 -8.86
N VAL A 134 10.68 -4.77 -8.61
CA VAL A 134 9.22 -4.90 -8.62
C VAL A 134 8.72 -5.33 -7.24
N ALA A 135 7.81 -4.55 -6.65
CA ALA A 135 7.25 -4.88 -5.34
C ALA A 135 5.75 -4.96 -5.40
N ILE A 136 5.18 -5.86 -4.61
CA ILE A 136 3.75 -6.04 -4.54
C ILE A 136 3.14 -4.83 -3.88
N GLN A 137 2.10 -4.29 -4.51
CA GLN A 137 1.47 -3.09 -3.99
C GLN A 137 1.05 -3.19 -2.51
N ALA A 138 0.31 -4.23 -2.18
CA ALA A 138 -0.17 -4.38 -0.80
C ALA A 138 0.97 -4.41 0.21
N VAL A 139 2.10 -5.05 -0.13
CA VAL A 139 3.23 -5.14 0.80
C VAL A 139 3.84 -3.76 1.08
N LEU A 140 3.91 -2.93 0.04
CA LEU A 140 4.42 -1.57 0.19
C LEU A 140 3.52 -0.78 1.13
N SER A 141 2.20 -0.99 1.03
CA SER A 141 1.26 -0.29 1.91
C SER A 141 1.44 -0.71 3.39
N LEU A 142 1.65 -2.01 3.60
CA LEU A 142 1.85 -2.49 4.96
C LEU A 142 3.11 -1.84 5.49
N TYR A 143 4.17 -1.86 4.70
CA TYR A 143 5.43 -1.26 5.13
C TYR A 143 5.22 0.21 5.49
N ALA A 144 4.50 0.91 4.64
CA ALA A 144 4.24 2.33 4.86
C ALA A 144 3.52 2.55 6.18
N SER A 145 2.76 1.56 6.63
CA SER A 145 2.06 1.70 7.92
C SER A 145 2.96 1.32 9.12
N GLY A 146 4.22 0.98 8.86
CA GLY A 146 5.15 0.61 9.91
C GLY A 146 4.90 -0.78 10.49
N ARG A 147 4.57 -1.77 9.65
CA ARG A 147 4.27 -3.14 10.10
C ARG A 147 4.87 -4.19 9.19
N THR A 148 5.20 -5.36 9.75
CA THR A 148 5.72 -6.44 8.92
C THR A 148 4.67 -7.54 8.84
N THR A 149 3.66 -7.45 9.70
CA THR A 149 2.60 -8.43 9.71
C THR A 149 1.23 -7.75 9.73
N GLY A 150 0.33 -8.22 8.89
CA GLY A 150 -1.01 -7.68 8.83
C GLY A 150 -1.72 -8.15 7.58
N ILE A 151 -2.96 -7.76 7.41
CA ILE A 151 -3.67 -8.13 6.20
C ILE A 151 -4.06 -6.81 5.55
N VAL A 152 -3.68 -6.65 4.30
CA VAL A 152 -4.01 -5.40 3.61
C VAL A 152 -5.25 -5.55 2.73
N MET A 153 -6.14 -4.57 2.83
CA MET A 153 -7.34 -4.51 2.00
C MET A 153 -7.04 -3.34 1.05
N ASP A 154 -6.58 -3.66 -0.15
CA ASP A 154 -6.20 -2.70 -1.21
C ASP A 154 -7.34 -2.59 -2.25
N SER A 155 -8.04 -1.46 -2.26
CA SER A 155 -9.17 -1.24 -3.16
C SER A 155 -8.95 0.01 -3.99
N GLY A 156 -8.76 -0.15 -5.31
CA GLY A 156 -8.55 1.01 -6.16
C GLY A 156 -9.63 1.23 -7.21
N ASP A 157 -9.28 0.94 -8.46
CA ASP A 157 -10.15 1.13 -9.62
C ASP A 157 -11.11 -0.01 -9.96
N GLY A 158 -10.55 -1.17 -10.31
CA GLY A 158 -11.38 -2.31 -10.68
C GLY A 158 -11.42 -3.53 -9.75
N VAL A 159 -10.45 -3.67 -8.85
CA VAL A 159 -10.46 -4.81 -7.91
C VAL A 159 -10.09 -4.38 -6.51
N SER A 160 -10.54 -5.18 -5.55
CA SER A 160 -10.21 -4.98 -4.16
C SER A 160 -9.46 -6.25 -3.78
N HIS A 161 -8.23 -6.13 -3.30
CA HIS A 161 -7.45 -7.32 -2.88
C HIS A 161 -7.36 -7.41 -1.37
N THR A 162 -7.36 -8.65 -0.88
CA THR A 162 -7.17 -8.89 0.55
C THR A 162 -5.87 -9.70 0.54
N VAL A 163 -4.85 -9.10 1.12
CA VAL A 163 -3.53 -9.69 1.13
C VAL A 163 -2.90 -9.89 2.53
N PRO A 164 -2.89 -11.15 3.00
CA PRO A 164 -2.29 -11.44 4.31
C PRO A 164 -0.79 -11.50 4.14
N ILE A 165 -0.08 -10.82 5.04
CA ILE A 165 1.35 -10.74 5.01
C ILE A 165 1.90 -11.12 6.37
N TYR A 166 2.95 -11.93 6.39
CA TYR A 166 3.54 -12.33 7.66
C TYR A 166 5.03 -12.11 7.66
N GLU A 167 5.49 -11.30 8.60
CA GLU A 167 6.90 -11.01 8.76
C GLU A 167 7.57 -10.54 7.45
N GLY A 168 6.86 -9.64 6.76
CA GLY A 168 7.36 -9.04 5.54
C GLY A 168 6.98 -9.67 4.20
N TYR A 169 6.35 -10.84 4.23
CA TYR A 169 6.00 -11.53 3.00
C TYR A 169 4.54 -11.95 2.91
N ALA A 170 3.96 -11.67 1.75
CA ALA A 170 2.57 -12.01 1.50
C ALA A 170 2.44 -13.53 1.42
N LEU A 171 1.27 -14.03 1.81
CA LEU A 171 0.94 -15.45 1.80
C LEU A 171 0.05 -15.65 0.58
N PRO A 172 0.66 -15.99 -0.56
CA PRO A 172 -0.03 -16.21 -1.84
C PRO A 172 -1.27 -17.09 -1.81
N HIS A 173 -1.20 -18.18 -1.05
CA HIS A 173 -2.30 -19.12 -0.94
C HIS A 173 -3.54 -18.56 -0.28
N ALA A 174 -3.38 -17.48 0.47
CA ALA A 174 -4.50 -16.85 1.17
C ALA A 174 -4.93 -15.53 0.57
N ILE A 175 -4.29 -15.11 -0.52
CA ILE A 175 -4.65 -13.86 -1.17
C ILE A 175 -5.97 -14.06 -1.92
N LEU A 176 -6.92 -13.16 -1.69
CA LEU A 176 -8.22 -13.23 -2.35
C LEU A 176 -8.55 -11.88 -2.99
N ARG A 177 -9.68 -11.81 -3.71
CA ARG A 177 -10.06 -10.56 -4.34
C ARG A 177 -11.54 -10.43 -4.67
N LEU A 178 -12.05 -9.21 -4.55
CA LEU A 178 -13.43 -8.85 -4.85
C LEU A 178 -13.35 -8.06 -6.14
N ASP A 179 -14.00 -8.56 -7.20
CA ASP A 179 -13.97 -7.87 -8.49
C ASP A 179 -14.94 -6.72 -8.50
N LEU A 180 -14.63 -5.73 -7.68
CA LEU A 180 -15.47 -4.57 -7.53
C LEU A 180 -14.59 -3.54 -6.82
N ALA A 181 -14.55 -2.33 -7.36
CA ALA A 181 -13.77 -1.27 -6.77
C ALA A 181 -14.33 0.09 -7.21
N GLY A 182 -13.48 1.12 -7.17
CA GLY A 182 -13.91 2.47 -7.49
C GLY A 182 -14.72 2.74 -8.75
N ARG A 183 -14.28 2.23 -9.88
CA ARG A 183 -15.02 2.48 -11.13
C ARG A 183 -16.46 1.94 -11.06
N ASP A 184 -16.61 0.78 -10.42
CA ASP A 184 -17.91 0.15 -10.24
C ASP A 184 -18.81 0.97 -9.31
N LEU A 185 -18.22 1.63 -8.33
CA LEU A 185 -18.99 2.44 -7.39
C LEU A 185 -19.41 3.73 -8.09
N THR A 186 -18.55 4.24 -8.97
CA THR A 186 -18.86 5.46 -9.72
C THR A 186 -20.00 5.09 -10.68
N ASP A 187 -19.89 3.93 -11.32
CA ASP A 187 -20.90 3.45 -12.24
C ASP A 187 -22.25 3.41 -11.51
N TYR A 188 -22.25 2.76 -10.33
CA TYR A 188 -23.45 2.59 -9.50
C TYR A 188 -24.10 3.93 -9.08
N MET A 189 -23.28 4.89 -8.71
CA MET A 189 -23.80 6.18 -8.32
C MET A 189 -24.53 6.79 -9.55
N MET A 190 -23.93 6.66 -10.73
CA MET A 190 -24.54 7.18 -11.96
C MET A 190 -25.96 6.59 -12.07
N LYS A 191 -26.05 5.27 -12.02
CA LYS A 191 -27.32 4.58 -12.11
C LYS A 191 -28.36 4.98 -11.05
N ILE A 192 -27.99 4.92 -9.77
CA ILE A 192 -28.97 5.26 -8.73
C ILE A 192 -29.35 6.72 -8.77
N LEU A 193 -28.48 7.58 -9.28
CA LEU A 193 -28.81 8.99 -9.35
C LEU A 193 -29.90 9.21 -10.39
N THR A 194 -30.05 8.28 -11.32
CA THR A 194 -31.09 8.42 -12.36
C THR A 194 -32.47 8.28 -11.74
N GLU A 195 -32.64 7.25 -10.92
CA GLU A 195 -33.92 7.01 -10.25
C GLU A 195 -34.44 8.26 -9.54
N ARG A 196 -33.53 9.20 -9.28
CA ARG A 196 -33.90 10.44 -8.61
C ARG A 196 -34.31 11.42 -9.70
N GLY A 197 -33.92 11.10 -10.93
CA GLY A 197 -34.24 11.95 -12.06
C GLY A 197 -33.01 12.43 -12.79
N TYR A 198 -31.91 12.55 -12.06
CA TYR A 198 -30.65 13.01 -12.65
C TYR A 198 -30.08 12.10 -13.73
N SER A 199 -29.56 12.72 -14.78
CA SER A 199 -28.96 11.98 -15.89
C SER A 199 -27.50 12.38 -16.09
N PHE A 200 -26.62 11.41 -15.90
CA PHE A 200 -25.18 11.61 -16.09
C PHE A 200 -24.77 10.43 -16.93
N THR A 201 -24.41 10.68 -18.19
CA THR A 201 -24.03 9.58 -19.07
C THR A 201 -22.76 9.86 -19.84
N THR A 202 -22.46 11.14 -20.09
CA THR A 202 -21.27 11.48 -20.85
C THR A 202 -20.04 11.42 -19.96
N THR A 203 -18.86 11.62 -20.53
CA THR A 203 -17.63 11.59 -19.73
C THR A 203 -17.56 12.71 -18.69
N ALA A 204 -17.75 13.95 -19.11
CA ALA A 204 -17.72 15.04 -18.15
C ALA A 204 -18.78 14.83 -17.09
N GLU A 205 -19.89 14.18 -17.45
CA GLU A 205 -20.94 13.94 -16.47
C GLU A 205 -20.56 12.85 -15.45
N ARG A 206 -19.86 11.84 -15.93
CA ARG A 206 -19.39 10.77 -15.08
C ARG A 206 -18.34 11.32 -14.09
N GLU A 207 -17.59 12.32 -14.52
CA GLU A 207 -16.59 12.94 -13.66
C GLU A 207 -17.30 13.66 -12.51
N ILE A 208 -18.50 14.16 -12.79
CA ILE A 208 -19.30 14.85 -11.79
C ILE A 208 -19.78 13.80 -10.79
N VAL A 209 -20.26 12.67 -11.30
CA VAL A 209 -20.72 11.59 -10.44
C VAL A 209 -19.53 11.14 -9.54
N ARG A 210 -18.35 11.03 -10.14
CA ARG A 210 -17.15 10.64 -9.39
C ARG A 210 -16.91 11.63 -8.25
N ASP A 211 -16.97 12.92 -8.58
CA ASP A 211 -16.79 13.98 -7.61
C ASP A 211 -17.84 13.86 -6.51
N ILE A 212 -19.08 13.53 -6.90
CA ILE A 212 -20.13 13.40 -5.92
C ILE A 212 -19.82 12.24 -4.98
N LYS A 213 -19.34 11.14 -5.53
CA LYS A 213 -18.97 9.98 -4.73
C LYS A 213 -17.85 10.32 -3.78
N GLU A 214 -16.81 10.97 -4.28
CA GLU A 214 -15.67 11.34 -3.47
C GLU A 214 -15.90 12.43 -2.44
N LYS A 215 -16.91 13.26 -2.64
CA LYS A 215 -17.16 14.35 -1.70
C LYS A 215 -18.33 14.19 -0.76
N LEU A 216 -19.36 13.47 -1.18
CA LEU A 216 -20.56 13.32 -0.34
C LEU A 216 -20.91 11.92 0.14
N ALA A 217 -20.30 10.90 -0.45
CA ALA A 217 -20.59 9.53 -0.05
C ALA A 217 -19.95 9.19 1.30
N TYR A 218 -20.49 8.18 1.96
CA TYR A 218 -19.97 7.70 3.23
C TYR A 218 -20.53 6.30 3.44
N VAL A 219 -19.84 5.51 4.25
CA VAL A 219 -20.28 4.15 4.53
C VAL A 219 -21.08 4.24 5.84
N ALA A 220 -22.30 3.73 5.85
CA ALA A 220 -23.06 3.80 7.09
C ALA A 220 -22.72 2.61 7.98
N LEU A 221 -22.69 2.85 9.29
CA LEU A 221 -22.37 1.80 10.25
C LEU A 221 -23.46 0.74 10.26
N ASP A 222 -24.71 1.19 10.13
CA ASP A 222 -25.87 0.31 10.09
C ASP A 222 -26.70 0.77 8.88
N PHE A 223 -26.59 0.02 7.79
CA PHE A 223 -27.30 0.38 6.57
C PHE A 223 -28.82 0.42 6.66
N GLU A 224 -29.44 -0.65 7.17
CA GLU A 224 -30.89 -0.73 7.30
C GLU A 224 -31.41 0.41 8.16
N GLN A 225 -30.72 0.70 9.25
CA GLN A 225 -31.12 1.77 10.15
C GLN A 225 -30.91 3.11 9.48
N GLU A 226 -29.92 3.17 8.60
CA GLU A 226 -29.57 4.40 7.88
C GLU A 226 -30.62 4.70 6.81
N MET A 227 -31.11 3.64 6.17
CA MET A 227 -32.11 3.81 5.15
C MET A 227 -33.40 4.29 5.80
N ALA A 228 -33.75 3.68 6.94
CA ALA A 228 -34.95 4.06 7.66
C ALA A 228 -34.88 5.56 7.97
N THR A 229 -33.70 6.01 8.39
CA THR A 229 -33.46 7.42 8.73
C THR A 229 -33.58 8.38 7.55
N ALA A 230 -33.11 7.95 6.38
CA ALA A 230 -33.17 8.77 5.19
C ALA A 230 -34.60 8.83 4.68
N ALA A 231 -35.32 7.73 4.85
CA ALA A 231 -36.71 7.62 4.40
C ALA A 231 -37.68 8.46 5.24
N SER A 232 -37.48 8.44 6.56
CA SER A 232 -38.36 9.15 7.48
C SER A 232 -37.90 10.55 7.86
N SER A 233 -36.91 11.08 7.15
CA SER A 233 -36.39 12.41 7.45
C SER A 233 -35.50 12.87 6.30
N SER A 234 -35.26 14.18 6.22
CA SER A 234 -34.41 14.74 5.15
C SER A 234 -33.10 15.19 5.77
N ALA A 235 -32.73 14.56 6.88
CA ALA A 235 -31.53 14.90 7.62
C ALA A 235 -30.22 14.50 6.95
N LEU A 236 -30.23 13.37 6.25
CA LEU A 236 -29.04 12.86 5.58
C LEU A 236 -28.83 13.43 4.17
N GLU A 237 -29.64 14.41 3.78
CA GLU A 237 -29.52 14.98 2.46
C GLU A 237 -28.50 16.09 2.39
N LYS A 238 -27.81 16.14 1.25
CA LYS A 238 -26.78 17.14 0.99
C LYS A 238 -27.04 17.76 -0.37
N SER A 239 -26.57 18.98 -0.53
CA SER A 239 -26.74 19.68 -1.79
C SER A 239 -25.45 19.74 -2.56
N TYR A 240 -25.55 19.46 -3.85
CA TYR A 240 -24.39 19.47 -4.71
C TYR A 240 -24.58 20.49 -5.83
N GLU A 241 -23.56 21.30 -6.04
CA GLU A 241 -23.64 22.29 -7.09
C GLU A 241 -22.88 21.84 -8.33
N LEU A 242 -23.63 21.61 -9.41
CA LEU A 242 -23.04 21.20 -10.68
C LEU A 242 -22.26 22.39 -11.24
N PRO A 243 -21.31 22.14 -12.15
CA PRO A 243 -20.53 23.25 -12.72
C PRO A 243 -21.40 24.18 -13.56
N ASP A 244 -22.57 23.67 -13.95
CA ASP A 244 -23.53 24.43 -14.74
C ASP A 244 -24.59 25.01 -13.82
N GLY A 245 -24.16 25.75 -12.80
CA GLY A 245 -25.07 26.37 -11.86
C GLY A 245 -26.05 25.51 -11.08
N GLN A 246 -26.72 24.59 -11.75
CA GLN A 246 -27.70 23.71 -11.10
C GLN A 246 -27.21 23.10 -9.80
N VAL A 247 -28.10 23.09 -8.80
CA VAL A 247 -27.81 22.53 -7.49
C VAL A 247 -28.72 21.33 -7.34
N ILE A 248 -28.14 20.14 -7.20
CA ILE A 248 -28.93 18.94 -7.05
C ILE A 248 -28.92 18.49 -5.58
N THR A 249 -29.75 17.48 -5.26
CA THR A 249 -29.85 16.99 -3.89
C THR A 249 -29.61 15.49 -3.80
N ILE A 250 -28.66 15.10 -2.96
CA ILE A 250 -28.33 13.68 -2.76
C ILE A 250 -28.93 13.20 -1.43
N GLY A 251 -29.51 12.00 -1.45
CA GLY A 251 -30.10 11.45 -0.24
C GLY A 251 -29.36 10.22 0.22
N ASN A 252 -30.08 9.11 0.28
CA ASN A 252 -29.50 7.85 0.70
C ASN A 252 -28.52 7.27 -0.29
N GLU A 253 -28.33 7.98 -1.41
CA GLU A 253 -27.39 7.51 -2.42
C GLU A 253 -25.99 7.70 -1.89
N ARG A 254 -25.86 8.61 -0.93
CA ARG A 254 -24.56 8.91 -0.33
C ARG A 254 -23.96 7.65 0.29
N PHE A 255 -24.78 6.83 0.93
CA PHE A 255 -24.28 5.62 1.57
C PHE A 255 -24.65 4.34 0.86
N ARG A 256 -25.63 4.42 -0.04
CA ARG A 256 -26.02 3.23 -0.78
C ARG A 256 -24.94 2.90 -1.78
N CYS A 257 -24.28 3.93 -2.29
CA CYS A 257 -23.23 3.75 -3.26
C CYS A 257 -22.09 2.88 -2.70
N PRO A 258 -21.39 3.36 -1.64
CA PRO A 258 -20.31 2.52 -1.10
C PRO A 258 -20.79 1.23 -0.39
N GLU A 259 -22.09 1.14 -0.09
CA GLU A 259 -22.65 -0.05 0.54
C GLU A 259 -22.40 -1.27 -0.34
N ALA A 260 -22.21 -1.03 -1.63
CA ALA A 260 -21.96 -2.09 -2.61
C ALA A 260 -20.69 -2.90 -2.29
N LEU A 261 -19.73 -2.27 -1.61
CA LEU A 261 -18.48 -2.95 -1.23
C LEU A 261 -18.79 -4.09 -0.25
N PHE A 262 -19.77 -3.86 0.62
CA PHE A 262 -20.19 -4.84 1.60
C PHE A 262 -21.33 -5.70 1.09
N GLN A 263 -22.12 -5.16 0.16
CA GLN A 263 -23.23 -5.92 -0.40
C GLN A 263 -23.14 -5.95 -1.91
N PRO A 264 -22.19 -6.71 -2.48
CA PRO A 264 -22.00 -6.81 -3.93
C PRO A 264 -23.25 -7.21 -4.72
N SER A 265 -24.28 -7.64 -4.01
CA SER A 265 -25.51 -8.02 -4.69
C SER A 265 -26.14 -6.75 -5.28
N PHE A 266 -25.82 -5.61 -4.69
CA PHE A 266 -26.32 -4.31 -5.15
C PHE A 266 -25.94 -4.15 -6.61
N LEU A 267 -24.86 -4.79 -7.03
CA LEU A 267 -24.42 -4.72 -8.41
C LEU A 267 -24.65 -6.07 -9.04
N GLY A 268 -25.62 -6.81 -8.52
CA GLY A 268 -25.91 -8.12 -9.08
C GLY A 268 -24.73 -9.07 -9.12
N MET A 269 -23.85 -8.99 -8.12
CA MET A 269 -22.70 -9.88 -8.05
C MET A 269 -22.96 -10.93 -6.99
N GLU A 270 -22.52 -12.16 -7.25
CA GLU A 270 -22.73 -13.24 -6.29
C GLU A 270 -21.67 -13.25 -5.19
N SER A 271 -20.61 -12.48 -5.42
CA SER A 271 -19.48 -12.38 -4.50
C SER A 271 -19.81 -11.80 -3.13
N ALA A 272 -18.94 -12.11 -2.18
CA ALA A 272 -19.08 -11.65 -0.80
C ALA A 272 -18.43 -10.27 -0.65
N GLY A 273 -18.99 -9.45 0.22
CA GLY A 273 -18.47 -8.10 0.46
C GLY A 273 -17.03 -8.15 0.94
N ILE A 274 -16.40 -6.98 1.02
CA ILE A 274 -14.99 -6.88 1.44
C ILE A 274 -14.67 -7.37 2.85
N HIS A 275 -15.61 -7.24 3.77
CA HIS A 275 -15.41 -7.70 5.15
C HIS A 275 -15.30 -9.23 5.16
N GLU A 276 -16.13 -9.91 4.38
CA GLU A 276 -16.05 -11.37 4.29
C GLU A 276 -14.81 -11.84 3.55
N THR A 277 -14.39 -11.09 2.54
CA THR A 277 -13.20 -11.46 1.76
C THR A 277 -12.00 -11.39 2.69
N THR A 278 -11.96 -10.34 3.51
CA THR A 278 -10.88 -10.17 4.47
C THR A 278 -10.89 -11.34 5.45
N TYR A 279 -12.07 -11.63 6.01
CA TYR A 279 -12.20 -12.74 6.95
C TYR A 279 -11.74 -14.04 6.29
N ASN A 280 -12.22 -14.30 5.08
CA ASN A 280 -11.85 -15.52 4.35
C ASN A 280 -10.38 -15.64 4.09
N SER A 281 -9.72 -14.52 3.79
CA SER A 281 -8.29 -14.57 3.54
C SER A 281 -7.60 -14.95 4.87
N ILE A 282 -8.05 -14.34 5.96
CA ILE A 282 -7.49 -14.61 7.29
C ILE A 282 -7.67 -16.08 7.61
N MET A 283 -8.85 -16.63 7.35
CA MET A 283 -9.08 -18.04 7.65
C MET A 283 -8.24 -19.02 6.82
N LYS A 284 -7.58 -18.54 5.77
CA LYS A 284 -6.76 -19.41 4.94
C LYS A 284 -5.34 -19.50 5.44
N CYS A 285 -5.00 -18.66 6.41
CA CYS A 285 -3.65 -18.64 6.99
C CYS A 285 -3.52 -19.52 8.24
N ASP A 286 -2.29 -19.86 8.61
CA ASP A 286 -2.04 -20.69 9.79
C ASP A 286 -2.73 -20.04 10.98
N VAL A 287 -3.51 -20.84 11.71
CA VAL A 287 -4.25 -20.37 12.88
C VAL A 287 -3.33 -19.60 13.86
N ASP A 288 -2.05 -19.97 13.91
CA ASP A 288 -1.09 -19.31 14.80
C ASP A 288 -0.85 -17.84 14.51
N ILE A 289 -1.08 -17.42 13.27
CA ILE A 289 -0.83 -16.03 12.93
C ILE A 289 -2.11 -15.21 12.75
N ARG A 290 -3.27 -15.84 12.74
CA ARG A 290 -4.52 -15.11 12.56
C ARG A 290 -4.72 -13.97 13.54
N LYS A 291 -4.26 -14.12 14.77
CA LYS A 291 -4.44 -13.07 15.78
C LYS A 291 -3.77 -11.77 15.33
N ASP A 292 -2.59 -11.91 14.76
CA ASP A 292 -1.80 -10.79 14.27
C ASP A 292 -2.44 -10.13 13.03
N LEU A 293 -3.18 -10.91 12.24
CA LEU A 293 -3.85 -10.34 11.06
C LEU A 293 -5.06 -9.53 11.52
N TYR A 294 -5.91 -10.11 12.37
CA TYR A 294 -7.07 -9.43 12.91
C TYR A 294 -6.67 -8.12 13.60
N GLY A 295 -5.53 -8.13 14.27
CA GLY A 295 -5.09 -6.94 14.98
C GLY A 295 -4.35 -5.93 14.12
N ASN A 296 -4.24 -6.21 12.82
CA ASN A 296 -3.53 -5.33 11.88
C ASN A 296 -4.17 -5.33 10.48
N VAL A 297 -5.40 -4.85 10.40
CA VAL A 297 -6.13 -4.80 9.13
C VAL A 297 -5.87 -3.41 8.58
N VAL A 298 -4.98 -3.33 7.58
CA VAL A 298 -4.61 -2.06 6.97
C VAL A 298 -5.40 -1.78 5.69
N LEU A 299 -6.03 -0.63 5.61
CA LEU A 299 -6.78 -0.31 4.41
C LEU A 299 -5.95 0.64 3.54
N SER A 300 -5.92 0.40 2.24
CA SER A 300 -5.19 1.28 1.35
C SER A 300 -5.90 1.39 0.01
N GLY A 301 -5.62 2.46 -0.71
CA GLY A 301 -6.27 2.62 -2.00
C GLY A 301 -7.33 3.70 -1.98
N GLY A 302 -7.59 4.28 -3.15
CA GLY A 302 -8.57 5.33 -3.22
C GLY A 302 -9.97 4.99 -2.79
N THR A 303 -10.39 3.75 -3.05
CA THR A 303 -11.74 3.35 -2.72
C THR A 303 -12.00 3.06 -1.22
N THR A 304 -10.95 3.17 -0.41
CA THR A 304 -11.09 2.97 1.02
C THR A 304 -11.18 4.33 1.68
N MET A 305 -11.27 5.39 0.87
CA MET A 305 -11.33 6.74 1.41
C MET A 305 -12.69 7.21 1.90
N PHE A 306 -13.73 6.39 1.74
CA PHE A 306 -15.06 6.79 2.20
C PHE A 306 -15.10 7.01 3.70
N PRO A 307 -15.69 8.12 4.16
CA PRO A 307 -15.77 8.31 5.62
C PRO A 307 -16.60 7.13 6.18
N GLY A 308 -16.27 6.68 7.38
CA GLY A 308 -17.01 5.58 7.98
C GLY A 308 -16.60 4.17 7.58
N ILE A 309 -15.73 4.02 6.59
CA ILE A 309 -15.36 2.67 6.20
C ILE A 309 -14.61 1.88 7.28
N ALA A 310 -13.74 2.54 8.03
CA ALA A 310 -12.98 1.83 9.04
C ALA A 310 -13.90 1.33 10.15
N ASP A 311 -14.81 2.18 10.62
CA ASP A 311 -15.78 1.79 11.66
C ASP A 311 -16.62 0.64 11.20
N ARG A 312 -16.99 0.68 9.92
CA ARG A 312 -17.81 -0.39 9.37
C ARG A 312 -17.03 -1.68 9.24
N MET A 313 -15.76 -1.57 8.86
CA MET A 313 -14.93 -2.76 8.72
C MET A 313 -14.72 -3.37 10.11
N ASN A 314 -14.56 -2.50 11.09
CA ASN A 314 -14.35 -2.96 12.46
C ASN A 314 -15.57 -3.75 12.92
N LYS A 315 -16.75 -3.17 12.74
CA LYS A 315 -17.98 -3.83 13.12
C LYS A 315 -18.21 -5.18 12.43
N GLU A 316 -18.02 -5.23 11.11
CA GLU A 316 -18.25 -6.47 10.38
C GLU A 316 -17.26 -7.56 10.76
N LEU A 317 -15.99 -7.18 10.86
CA LEU A 317 -14.97 -8.16 11.23
C LEU A 317 -15.19 -8.61 12.67
N THR A 318 -15.56 -7.69 13.56
CA THR A 318 -15.81 -8.04 14.96
C THR A 318 -16.93 -9.07 14.99
N ALA A 319 -17.93 -8.92 14.13
CA ALA A 319 -19.06 -9.85 14.06
C ALA A 319 -18.70 -11.23 13.55
N LEU A 320 -17.68 -11.34 12.70
CA LEU A 320 -17.28 -12.62 12.15
C LEU A 320 -16.26 -13.43 12.98
N ALA A 321 -15.45 -12.71 13.77
CA ALA A 321 -14.41 -13.32 14.59
C ALA A 321 -14.88 -13.56 16.03
N PRO A 322 -14.23 -14.50 16.75
CA PRO A 322 -14.63 -14.77 18.14
C PRO A 322 -14.57 -13.48 18.93
N SER A 323 -15.43 -13.30 19.92
CA SER A 323 -15.43 -12.06 20.72
C SER A 323 -14.14 -11.82 21.49
N THR A 324 -13.26 -12.81 21.51
CA THR A 324 -11.98 -12.71 22.22
C THR A 324 -10.94 -11.98 21.38
N MET A 325 -11.13 -12.06 20.07
CA MET A 325 -10.25 -11.47 19.08
C MET A 325 -10.24 -9.94 19.07
N LYS A 326 -9.07 -9.35 19.23
CA LYS A 326 -8.95 -7.91 19.20
C LYS A 326 -8.86 -7.51 17.70
N ILE A 327 -9.85 -6.74 17.26
CA ILE A 327 -9.89 -6.27 15.88
C ILE A 327 -9.38 -4.84 15.84
N LYS A 328 -8.45 -4.58 14.93
CA LYS A 328 -7.91 -3.25 14.77
C LYS A 328 -7.83 -2.90 13.26
N ILE A 329 -8.55 -1.84 12.89
CA ILE A 329 -8.54 -1.37 11.51
C ILE A 329 -7.63 -0.15 11.44
N ILE A 330 -6.63 -0.22 10.57
CA ILE A 330 -5.70 0.90 10.38
C ILE A 330 -6.04 1.58 9.03
N ALA A 331 -6.49 2.82 9.11
CA ALA A 331 -6.91 3.59 7.94
C ALA A 331 -6.26 4.95 7.94
N PRO A 332 -4.98 5.01 7.57
CA PRO A 332 -4.27 6.30 7.57
C PRO A 332 -4.88 7.31 6.63
N PRO A 333 -4.86 8.58 7.03
CA PRO A 333 -5.43 9.60 6.14
C PRO A 333 -4.78 9.62 4.75
N GLU A 334 -3.50 9.26 4.66
CA GLU A 334 -2.80 9.26 3.37
C GLU A 334 -2.90 7.94 2.62
N ARG A 335 -3.86 7.10 2.98
CA ARG A 335 -3.98 5.78 2.37
C ARG A 335 -4.15 5.68 0.84
N LYS A 336 -4.52 6.79 0.20
CA LYS A 336 -4.65 6.76 -1.26
C LYS A 336 -3.28 6.59 -1.90
N TYR A 337 -2.23 7.11 -1.25
CA TYR A 337 -0.86 6.99 -1.76
C TYR A 337 0.07 6.05 -0.96
N SER A 338 -0.52 5.27 -0.07
CA SER A 338 0.20 4.33 0.78
C SER A 338 1.17 3.45 0.02
N VAL A 339 0.73 2.91 -1.12
CA VAL A 339 1.59 2.03 -1.93
C VAL A 339 2.78 2.82 -2.43
N TRP A 340 2.53 4.01 -2.98
CA TRP A 340 3.63 4.81 -3.48
C TRP A 340 4.62 5.24 -2.36
N ILE A 341 4.08 5.70 -1.23
CA ILE A 341 4.91 6.13 -0.11
C ILE A 341 5.76 4.95 0.36
N GLY A 342 5.14 3.78 0.46
CA GLY A 342 5.87 2.58 0.85
C GLY A 342 7.02 2.31 -0.10
N GLY A 343 6.79 2.49 -1.40
CA GLY A 343 7.86 2.26 -2.35
C GLY A 343 8.96 3.31 -2.22
N SER A 344 8.58 4.55 -1.92
CA SER A 344 9.55 5.63 -1.76
C SER A 344 10.51 5.34 -0.62
N ILE A 345 9.96 4.80 0.47
CA ILE A 345 10.77 4.44 1.64
C ILE A 345 11.69 3.27 1.30
N LEU A 346 11.14 2.19 0.78
CA LEU A 346 11.93 1.04 0.43
C LEU A 346 13.11 1.41 -0.51
N ALA A 347 12.80 2.17 -1.56
CA ALA A 347 13.81 2.56 -2.52
C ALA A 347 14.85 3.51 -1.93
N SER A 348 14.51 4.18 -0.82
CA SER A 348 15.45 5.10 -0.20
C SER A 348 16.40 4.44 0.80
N LEU A 349 16.12 3.20 1.21
CA LEU A 349 16.98 2.53 2.19
C LEU A 349 18.41 2.31 1.72
N SER A 350 19.35 2.40 2.66
CA SER A 350 20.75 2.20 2.34
C SER A 350 21.02 0.77 1.89
N THR A 351 20.06 -0.12 2.14
CA THR A 351 20.21 -1.51 1.76
C THR A 351 19.52 -1.83 0.43
N PHE A 352 18.79 -0.87 -0.13
CA PHE A 352 18.09 -1.09 -1.39
C PHE A 352 19.05 -1.38 -2.57
N GLN A 353 20.23 -0.74 -2.59
CA GLN A 353 21.17 -0.94 -3.69
C GLN A 353 21.52 -2.40 -3.93
N GLN A 354 21.31 -3.23 -2.91
CA GLN A 354 21.60 -4.64 -3.03
C GLN A 354 20.41 -5.39 -3.61
N MET A 355 19.20 -4.96 -3.25
CA MET A 355 17.99 -5.66 -3.65
C MET A 355 17.66 -5.59 -5.12
N TRP A 356 17.99 -4.49 -5.76
CA TRP A 356 17.63 -4.35 -7.15
C TRP A 356 18.32 -5.26 -8.15
N ILE A 357 17.66 -5.40 -9.30
CA ILE A 357 18.18 -6.19 -10.41
C ILE A 357 19.02 -5.18 -11.20
N SER A 358 20.29 -5.46 -11.45
CA SER A 358 21.15 -4.56 -12.22
C SER A 358 21.18 -4.95 -13.69
N LYS A 359 21.69 -4.05 -14.51
CA LYS A 359 21.80 -4.31 -15.95
C LYS A 359 22.65 -5.55 -16.11
N GLU A 360 23.75 -5.58 -15.35
CA GLU A 360 24.67 -6.71 -15.38
C GLU A 360 23.92 -8.02 -15.17
N GLU A 361 23.08 -8.06 -14.13
CA GLU A 361 22.31 -9.27 -13.86
C GLU A 361 21.30 -9.55 -14.97
N TYR A 362 20.67 -8.50 -15.48
CA TYR A 362 19.70 -8.71 -16.53
C TYR A 362 20.40 -9.26 -17.77
N ASP A 363 21.54 -8.69 -18.10
CA ASP A 363 22.29 -9.12 -19.27
C ASP A 363 22.65 -10.60 -19.19
N GLU A 364 23.10 -11.02 -18.02
CA GLU A 364 23.50 -12.39 -17.79
C GLU A 364 22.38 -13.41 -17.66
N SER A 365 21.31 -13.07 -16.95
CA SER A 365 20.22 -14.04 -16.75
C SER A 365 18.95 -13.78 -17.54
N GLY A 366 18.77 -12.56 -18.02
CA GLY A 366 17.57 -12.26 -18.78
C GLY A 366 16.38 -11.92 -17.90
N PRO A 367 15.17 -11.78 -18.49
CA PRO A 367 13.94 -11.44 -17.75
C PRO A 367 13.63 -12.31 -16.54
N SER A 368 13.85 -13.62 -16.66
CA SER A 368 13.53 -14.55 -15.58
C SER A 368 14.24 -14.24 -14.27
N ILE A 369 15.22 -13.36 -14.30
CA ILE A 369 15.92 -13.04 -13.07
C ILE A 369 14.96 -12.41 -12.05
N VAL A 370 13.84 -11.86 -12.54
CA VAL A 370 12.85 -11.23 -11.67
C VAL A 370 12.25 -12.22 -10.64
N HIS A 371 12.18 -13.50 -10.98
CA HIS A 371 11.61 -14.51 -10.06
C HIS A 371 12.55 -14.86 -8.89
N ARG A 372 13.82 -14.51 -9.02
CA ARG A 372 14.84 -14.80 -8.02
C ARG A 372 15.28 -13.55 -7.24
N LYS A 373 14.91 -12.36 -7.71
CA LYS A 373 15.35 -11.14 -7.05
C LYS A 373 14.16 -10.40 -6.45
N CYS A 374 12.95 -10.61 -6.96
CA CYS A 374 11.77 -9.92 -6.44
C CYS A 374 10.64 -10.88 -6.09
N PHE A 375 10.30 -10.99 -4.82
CA PHE A 375 9.18 -11.85 -4.43
C PHE A 375 7.85 -11.19 -4.80
N VAL B 3 20.72 -8.89 1.74
CA VAL B 3 21.26 -7.51 1.59
C VAL B 3 22.22 -7.13 2.75
N GLU B 4 23.41 -7.71 2.73
CA GLU B 4 24.42 -7.48 3.78
C GLU B 4 24.93 -6.04 3.92
N HIS B 5 24.50 -5.41 5.00
CA HIS B 5 24.84 -4.03 5.39
C HIS B 5 25.94 -4.20 6.47
N PRO B 6 26.88 -3.25 6.57
CA PRO B 6 27.96 -3.39 7.57
C PRO B 6 27.47 -3.80 8.95
N GLU B 7 26.37 -3.18 9.39
CA GLU B 7 25.80 -3.49 10.69
C GLU B 7 25.21 -4.89 10.73
N PHE B 8 24.80 -5.42 9.56
CA PHE B 8 24.25 -6.78 9.50
C PHE B 8 25.36 -7.78 9.78
N LEU B 9 26.56 -7.44 9.35
CA LEU B 9 27.70 -8.30 9.55
C LEU B 9 27.96 -8.46 11.05
N LYS B 10 27.62 -7.41 11.82
CA LYS B 10 27.80 -7.43 13.27
C LYS B 10 26.64 -8.08 14.02
N ALA B 11 25.45 -8.00 13.44
CA ALA B 11 24.23 -8.53 14.03
C ALA B 11 24.23 -10.00 14.44
N GLY B 12 23.72 -10.25 15.65
CA GLY B 12 23.57 -11.59 16.18
C GLY B 12 24.75 -12.55 16.19
N LYS B 13 25.94 -12.02 16.42
CA LYS B 13 27.14 -12.86 16.45
C LYS B 13 27.21 -13.57 17.80
N GLU B 14 26.91 -12.85 18.89
CA GLU B 14 26.93 -13.45 20.23
C GLU B 14 25.68 -13.14 21.06
N PRO B 15 25.44 -13.91 22.14
CA PRO B 15 24.25 -13.63 22.96
C PRO B 15 24.33 -12.22 23.51
N GLY B 16 23.19 -11.53 23.56
CA GLY B 16 23.19 -10.18 24.06
C GLY B 16 22.13 -9.33 23.42
N LEU B 17 22.28 -8.02 23.53
CA LEU B 17 21.32 -7.08 22.97
C LEU B 17 22.01 -6.10 22.05
N GLN B 18 21.37 -5.81 20.94
CA GLN B 18 21.91 -4.85 19.98
C GLN B 18 20.80 -3.88 19.62
N ILE B 19 21.13 -2.59 19.61
CA ILE B 19 20.15 -1.56 19.32
C ILE B 19 20.69 -0.61 18.27
N TRP B 20 19.84 -0.32 17.29
CA TRP B 20 20.19 0.60 16.20
C TRP B 20 19.04 1.54 16.08
N ARG B 21 19.33 2.76 15.71
CA ARG B 21 18.28 3.73 15.51
C ARG B 21 18.18 4.00 14.00
N VAL B 22 16.97 4.21 13.52
CA VAL B 22 16.78 4.52 12.10
C VAL B 22 17.18 6.00 11.94
N GLU B 23 18.15 6.27 11.09
CA GLU B 23 18.54 7.65 10.88
C GLU B 23 18.67 7.93 9.39
N LYS B 24 17.68 8.67 8.87
CA LYS B 24 17.63 9.04 7.47
C LYS B 24 17.81 7.87 6.51
N PHE B 25 16.90 6.91 6.62
CA PHE B 25 16.88 5.72 5.77
C PHE B 25 18.06 4.77 5.97
N ASP B 26 18.80 4.93 7.06
CA ASP B 26 19.92 4.04 7.34
C ASP B 26 19.79 3.50 8.78
N LEU B 27 20.40 2.35 9.03
CA LEU B 27 20.39 1.70 10.35
C LEU B 27 21.67 2.09 11.08
N VAL B 28 21.55 2.91 12.12
CA VAL B 28 22.70 3.40 12.87
C VAL B 28 22.80 2.83 14.29
N PRO B 29 23.97 2.30 14.66
CA PRO B 29 24.02 1.77 16.02
C PRO B 29 23.91 2.81 17.11
N VAL B 30 23.25 2.45 18.20
CA VAL B 30 23.09 3.35 19.33
C VAL B 30 24.29 3.09 20.27
N PRO B 31 24.94 4.15 20.79
CA PRO B 31 26.07 3.91 21.69
C PRO B 31 25.55 3.08 22.87
N THR B 32 26.26 2.00 23.19
CA THR B 32 25.85 1.11 24.27
C THR B 32 25.47 1.80 25.59
N ASN B 33 26.05 2.97 25.84
CA ASN B 33 25.74 3.70 27.06
C ASN B 33 24.38 4.37 27.00
N LEU B 34 23.77 4.39 25.83
CA LEU B 34 22.46 5.01 25.68
C LEU B 34 21.33 4.00 25.54
N TYR B 35 21.68 2.71 25.63
CA TYR B 35 20.67 1.65 25.50
C TYR B 35 19.57 1.86 26.53
N GLY B 36 18.31 1.88 26.11
CA GLY B 36 17.22 2.06 27.05
C GLY B 36 16.62 3.45 27.04
N ASP B 37 17.37 4.41 26.49
CA ASP B 37 16.93 5.80 26.41
C ASP B 37 16.43 6.05 24.98
N PHE B 38 15.14 5.87 24.80
CA PHE B 38 14.50 6.01 23.49
C PHE B 38 13.91 7.39 23.20
N PHE B 39 14.33 7.99 22.09
CA PHE B 39 13.79 9.29 21.66
C PHE B 39 12.39 8.94 21.14
N THR B 40 11.36 9.61 21.64
CA THR B 40 10.00 9.33 21.19
C THR B 40 9.70 9.82 19.76
N GLY B 41 10.64 10.58 19.18
CA GLY B 41 10.45 11.08 17.84
C GLY B 41 11.17 10.19 16.85
N ASP B 42 11.71 9.07 17.34
CA ASP B 42 12.45 8.13 16.49
C ASP B 42 11.93 6.71 16.48
N ALA B 43 12.53 5.90 15.61
CA ALA B 43 12.21 4.47 15.46
C ALA B 43 13.54 3.73 15.63
N TYR B 44 13.47 2.55 16.26
CA TYR B 44 14.65 1.76 16.53
C TYR B 44 14.47 0.28 16.19
N VAL B 45 15.59 -0.41 16.01
CA VAL B 45 15.57 -1.84 15.77
C VAL B 45 16.46 -2.49 16.85
N ILE B 46 15.85 -3.43 17.57
CA ILE B 46 16.50 -4.15 18.66
C ILE B 46 16.56 -5.64 18.40
N LEU B 47 17.77 -6.20 18.42
CA LEU B 47 17.96 -7.63 18.23
C LEU B 47 18.40 -8.22 19.57
N LYS B 48 17.66 -9.20 20.06
CA LYS B 48 17.98 -9.86 21.31
C LYS B 48 18.44 -11.28 20.99
N THR B 49 19.74 -11.52 21.14
CA THR B 49 20.33 -12.83 20.88
C THR B 49 20.46 -13.61 22.21
N VAL B 50 19.92 -14.82 22.21
CA VAL B 50 19.95 -15.69 23.38
C VAL B 50 20.67 -16.97 22.98
N GLN B 51 21.58 -17.45 23.83
CA GLN B 51 22.29 -18.66 23.47
C GLN B 51 21.53 -19.93 23.74
N LEU B 52 21.56 -20.80 22.74
CA LEU B 52 20.88 -22.08 22.80
C LEU B 52 21.89 -23.21 23.05
N ARG B 53 21.41 -24.26 23.73
CA ARG B 53 22.22 -25.42 24.09
C ARG B 53 23.11 -25.95 22.99
N ASN B 54 22.52 -26.09 21.81
CA ASN B 54 23.22 -26.61 20.64
C ASN B 54 24.40 -25.75 20.18
N GLY B 55 24.46 -24.51 20.67
CA GLY B 55 25.55 -23.63 20.28
C GLY B 55 25.00 -22.49 19.45
N ASN B 56 23.91 -22.76 18.74
CA ASN B 56 23.28 -21.74 17.92
C ASN B 56 22.56 -20.74 18.81
N LEU B 57 22.18 -19.62 18.21
CA LEU B 57 21.54 -18.56 18.94
C LEU B 57 20.06 -18.41 18.64
N GLN B 58 19.33 -17.82 19.57
CA GLN B 58 17.91 -17.59 19.36
C GLN B 58 17.80 -16.10 19.12
N TYR B 59 16.89 -15.70 18.23
CA TYR B 59 16.71 -14.28 17.93
C TYR B 59 15.28 -13.78 18.04
N ASP B 60 15.19 -12.53 18.48
CA ASP B 60 13.92 -11.85 18.58
C ASP B 60 14.23 -10.43 18.12
N LEU B 61 13.54 -10.04 17.06
CA LEU B 61 13.71 -8.72 16.48
C LEU B 61 12.51 -7.86 16.87
N HIS B 62 12.80 -6.73 17.49
CA HIS B 62 11.76 -5.83 17.91
C HIS B 62 12.00 -4.48 17.25
N TYR B 63 10.99 -3.93 16.59
CA TYR B 63 11.14 -2.59 16.02
C TYR B 63 10.27 -1.70 16.89
N TRP B 64 10.89 -0.75 17.56
CA TRP B 64 10.23 0.17 18.47
C TRP B 64 9.91 1.49 17.79
N LEU B 65 8.65 1.90 17.91
CA LEU B 65 8.17 3.12 17.27
C LEU B 65 7.75 4.21 18.24
N GLY B 66 8.52 5.30 18.26
CA GLY B 66 8.20 6.43 19.11
C GLY B 66 6.91 7.10 18.67
N ASN B 67 6.18 7.68 19.61
CA ASN B 67 4.91 8.34 19.31
C ASN B 67 4.99 9.41 18.22
N GLU B 68 6.13 10.09 18.11
CA GLU B 68 6.29 11.13 17.09
C GLU B 68 7.24 10.80 15.95
N CYS B 69 7.63 9.53 15.79
CA CYS B 69 8.53 9.22 14.68
C CYS B 69 7.78 9.42 13.36
N SER B 70 8.51 9.85 12.33
CA SER B 70 7.89 10.11 11.02
C SER B 70 7.67 8.82 10.23
N GLN B 71 6.80 8.87 9.22
CA GLN B 71 6.49 7.66 8.45
C GLN B 71 7.69 6.96 7.86
N ASP B 72 8.67 7.73 7.41
CA ASP B 72 9.87 7.13 6.82
C ASP B 72 10.66 6.31 7.85
N GLU B 73 10.65 6.77 9.10
CA GLU B 73 11.36 6.11 10.20
C GLU B 73 10.69 4.82 10.62
N SER B 74 9.36 4.84 10.84
CA SER B 74 8.65 3.62 11.21
C SER B 74 8.61 2.64 10.03
N GLY B 75 8.47 3.19 8.81
CA GLY B 75 8.47 2.31 7.65
C GLY B 75 9.83 1.63 7.49
N ALA B 76 10.91 2.37 7.71
CA ALA B 76 12.25 1.82 7.57
C ALA B 76 12.56 0.79 8.65
N ALA B 77 12.14 1.06 9.87
CA ALA B 77 12.37 0.13 10.98
C ALA B 77 11.74 -1.23 10.64
N ALA B 78 10.51 -1.22 10.12
CA ALA B 78 9.82 -2.45 9.73
C ALA B 78 10.58 -3.19 8.63
N ILE B 79 10.99 -2.46 7.59
CA ILE B 79 11.70 -3.09 6.48
C ILE B 79 13.08 -3.62 6.90
N PHE B 80 13.81 -2.86 7.71
CA PHE B 80 15.13 -3.31 8.17
C PHE B 80 14.96 -4.59 9.02
N THR B 81 13.84 -4.65 9.73
CA THR B 81 13.54 -5.81 10.56
C THR B 81 13.35 -7.03 9.67
N VAL B 82 12.64 -6.87 8.55
CA VAL B 82 12.44 -8.01 7.62
C VAL B 82 13.82 -8.38 7.04
N GLN B 83 14.60 -7.38 6.69
CA GLN B 83 15.93 -7.64 6.11
C GLN B 83 16.89 -8.35 7.07
N LEU B 84 16.94 -7.89 8.31
CA LEU B 84 17.82 -8.51 9.30
C LEU B 84 17.39 -9.97 9.46
N ASP B 85 16.08 -10.20 9.59
CA ASP B 85 15.57 -11.56 9.76
C ASP B 85 16.02 -12.42 8.58
N ASP B 86 15.83 -11.93 7.36
CA ASP B 86 16.24 -12.66 6.15
C ASP B 86 17.74 -12.97 6.21
N TYR B 87 18.53 -11.98 6.60
CA TYR B 87 19.97 -12.12 6.71
C TYR B 87 20.33 -13.22 7.72
N LEU B 88 19.56 -13.28 8.81
CA LEU B 88 19.75 -14.29 9.86
C LEU B 88 18.98 -15.58 9.53
N ASN B 89 18.83 -15.86 8.24
CA ASN B 89 18.18 -17.05 7.78
C ASN B 89 16.74 -17.30 8.22
N GLY B 90 16.03 -16.23 8.52
CA GLY B 90 14.63 -16.35 8.92
C GLY B 90 14.41 -16.96 10.29
N ARG B 91 15.41 -16.87 11.16
CA ARG B 91 15.32 -17.45 12.52
C ARG B 91 14.79 -16.51 13.61
N ALA B 92 14.60 -15.24 13.25
CA ALA B 92 14.13 -14.25 14.20
C ALA B 92 12.61 -14.13 14.24
N VAL B 93 12.09 -13.92 15.45
CA VAL B 93 10.66 -13.73 15.63
C VAL B 93 10.63 -12.20 15.66
N GLN B 94 9.74 -11.61 14.84
CA GLN B 94 9.64 -10.16 14.74
C GLN B 94 8.54 -9.64 15.65
N HIS B 95 8.80 -8.52 16.32
CA HIS B 95 7.82 -7.92 17.22
C HIS B 95 7.68 -6.42 16.99
N ARG B 96 6.45 -5.94 16.79
CA ARG B 96 6.22 -4.51 16.65
C ARG B 96 6.01 -3.95 18.07
N GLU B 97 6.83 -2.98 18.47
CA GLU B 97 6.72 -2.41 19.81
C GLU B 97 6.35 -0.93 19.74
N VAL B 98 5.15 -0.61 20.17
CA VAL B 98 4.77 0.79 20.14
C VAL B 98 4.94 1.46 21.49
N GLN B 99 5.44 2.70 21.46
CA GLN B 99 5.65 3.44 22.68
C GLN B 99 4.39 3.40 23.54
N GLY B 100 4.56 3.08 24.82
CA GLY B 100 3.44 3.02 25.74
C GLY B 100 2.68 1.71 25.69
N PHE B 101 3.09 0.82 24.80
CA PHE B 101 2.41 -0.47 24.66
C PHE B 101 3.35 -1.64 24.39
N GLU B 102 4.60 -1.50 24.81
CA GLU B 102 5.60 -2.55 24.60
C GLU B 102 5.25 -3.84 25.34
N SER B 103 5.76 -4.94 24.81
CA SER B 103 5.53 -6.26 25.36
C SER B 103 6.33 -6.44 26.65
N ALA B 104 5.87 -7.33 27.52
CA ALA B 104 6.58 -7.60 28.76
C ALA B 104 8.02 -8.01 28.42
N THR B 105 8.15 -8.92 27.46
CA THR B 105 9.46 -9.39 27.00
C THR B 105 10.44 -8.25 26.69
N PHE B 106 10.02 -7.32 25.82
CA PHE B 106 10.82 -6.17 25.41
C PHE B 106 11.21 -5.30 26.59
N LEU B 107 10.21 -4.94 27.39
CA LEU B 107 10.47 -4.11 28.57
C LEU B 107 11.48 -4.79 29.46
N GLY B 108 11.41 -6.12 29.53
CA GLY B 108 12.32 -6.90 30.35
C GLY B 108 13.79 -6.88 29.95
N TYR B 109 14.11 -6.39 28.75
CA TYR B 109 15.51 -6.36 28.30
C TYR B 109 16.26 -5.25 28.96
N PHE B 110 15.52 -4.35 29.58
CA PHE B 110 16.13 -3.20 30.22
C PHE B 110 16.04 -3.35 31.75
N LYS B 111 17.17 -3.76 32.32
CA LYS B 111 17.33 -4.01 33.74
C LYS B 111 16.73 -2.91 34.62
N SER B 112 17.14 -1.67 34.38
CA SER B 112 16.64 -0.54 35.15
C SER B 112 15.41 0.11 34.50
N GLY B 113 14.77 -0.61 33.58
CA GLY B 113 13.60 -0.09 32.90
C GLY B 113 13.98 0.94 31.85
N LEU B 114 13.31 0.89 30.71
CA LEU B 114 13.62 1.86 29.66
C LEU B 114 13.03 3.23 29.97
N LYS B 115 13.58 4.28 29.37
CA LYS B 115 13.08 5.64 29.59
C LYS B 115 12.78 6.31 28.24
N TYR B 116 11.80 7.22 28.24
CA TYR B 116 11.43 7.95 27.03
C TYR B 116 11.96 9.37 27.08
N LYS B 117 12.46 9.90 25.96
CA LYS B 117 12.91 11.28 25.95
C LYS B 117 12.44 11.94 24.67
N LYS B 118 11.85 13.11 24.83
CA LYS B 118 11.35 13.88 23.72
C LYS B 118 12.47 14.21 22.74
N GLY B 119 12.14 14.19 21.45
CA GLY B 119 13.13 14.51 20.44
C GLY B 119 13.55 13.37 19.53
N GLY B 120 14.58 13.62 18.73
CA GLY B 120 15.12 12.63 17.82
C GLY B 120 15.72 13.25 16.57
N VAL B 121 16.20 12.41 15.65
CA VAL B 121 16.79 12.89 14.40
C VAL B 121 15.67 13.28 13.42
N ALA B 122 15.94 14.24 12.54
CA ALA B 122 14.93 14.69 11.58
C ALA B 122 14.51 13.62 10.55
N SER B 123 13.30 13.77 10.02
CA SER B 123 12.80 12.83 9.02
C SER B 123 13.72 12.80 7.81
N GLY B 124 13.74 11.67 7.12
CA GLY B 124 14.55 11.53 5.93
C GLY B 124 13.84 12.00 4.65
N PHE B 125 12.53 12.25 4.72
CA PHE B 125 11.75 12.70 3.57
C PHE B 125 12.23 14.08 3.08
S SO4 C . -13.73 6.07 9.55
O1 SO4 C . -14.76 5.10 10.02
O2 SO4 C . -13.04 5.49 8.28
O3 SO4 C . -14.31 7.49 9.19
O4 SO4 C . -12.68 6.37 10.65
PG ATP D . -5.79 -0.28 -8.75
O1G ATP D . -6.96 -1.15 -8.74
O2G ATP D . -4.84 -0.25 -7.57
O3G ATP D . -4.86 -0.59 -9.89
PB ATP D . -5.71 2.63 -9.00
O1B ATP D . -4.30 2.81 -8.64
O2B ATP D . -5.83 3.36 -10.25
O3B ATP D . -6.30 1.20 -9.00
PA ATP D . -6.61 4.27 -6.72
O1A ATP D . -6.18 3.67 -5.42
O2A ATP D . -5.81 5.44 -7.12
O3A ATP D . -6.68 3.18 -7.87
O5' ATP D . -8.11 4.63 -6.62
C5' ATP D . -8.95 5.27 -7.60
C4' ATP D . -10.38 5.12 -7.16
O4' ATP D . -10.53 5.69 -5.83
C3' ATP D . -11.38 5.81 -8.11
O3' ATP D . -12.58 5.04 -8.29
C2' ATP D . -11.65 7.08 -7.31
O2' ATP D . -12.90 7.69 -7.59
C1' ATP D . -11.56 6.63 -5.83
N9 ATP D . -11.43 7.70 -4.86
C8 ATP D . -10.48 8.68 -4.78
N7 ATP D . -10.73 9.49 -3.74
C5 ATP D . -11.87 9.01 -3.15
C6 ATP D . -12.64 9.40 -2.03
N6 ATP D . -12.38 10.44 -1.24
N1 ATP D . -13.76 8.70 -1.67
C2 ATP D . -14.10 7.58 -2.46
N3 ATP D . -13.43 7.13 -3.52
C4 ATP D . -12.32 7.88 -3.82
S SO2 E . -17.56 14.43 -22.34
O1 SO2 E . -17.34 15.55 -21.40
O2 SO2 E . -18.80 13.67 -21.89
CA CA F . 12.74 11.25 14.08
#